data_6IL3
#
_entry.id   6IL3
#
_cell.length_a   81.641
_cell.length_b   81.641
_cell.length_c   147.843
_cell.angle_alpha   90.00
_cell.angle_beta   90.00
_cell.angle_gamma   90.00
#
_symmetry.space_group_name_H-M   'P 43 21 2'
#
loop_
_entity.id
_entity.type
_entity.pdbx_description
1 polymer 'Receptor-type tyrosine-protein kinase FLT3'
2 non-polymer 7-methoxy-6-(1-methyl-1H-pyrazol-4-yl)-3-(pyridin-2-yl)imidazo[1,2-a]pyridine
3 non-polymer 'PHOSPHATE ION'
4 non-polymer '3-CYCLOHEXYL-1-PROPYLSULFONIC ACID'
5 non-polymer GLYCEROL
6 non-polymer 'CHLORIDE ION'
7 water water
#
_entity_poly.entity_id   1
_entity_poly.type   'polypeptide(L)'
_entity_poly.pdbx_seq_one_letter_code
;MSYYHHHHHHDYDIPTTENLYFQSIAHKYKKQFRYESQLQMVQVTGSSDNEYFYVDFREYEYDLKWEFPRENLEFGKVLG
SGAFGKVMNATAYGISKTGVSIQVAVKMLKEKADSSEREALMSELKMMTQLGSHENIVNLLGACTLSGPIYLIFEYCCYG
DLLNYLRSKREKFSEDEIEYENQKRLEEEEDLNVLTFEDLLCFAYQVAKGMEFLEFKSCVHRDLAARNVLVTHGKVVKIC
DFGLARDIMSDSNYVVRGNARLPVKWMAPESLFEGIYTIKSDVWSYGILLWEIFSLGVNPYPGIPVDANFYKLIQNGFKM
DQPFYATEEIYIIMQSCWAFDSRKRPSFPNLTSFLGCQLADAEEAMYQNV
;
_entity_poly.pdbx_strand_id   A
#
loop_
_chem_comp.id
_chem_comp.type
_chem_comp.name
_chem_comp.formula
A9R non-polymer 7-methoxy-6-(1-methyl-1H-pyrazol-4-yl)-3-(pyridin-2-yl)imidazo[1,2-a]pyridine 'C17 H15 N5 O'
CL non-polymer 'CHLORIDE ION' 'Cl -1'
CXS non-polymer '3-CYCLOHEXYL-1-PROPYLSULFONIC ACID' 'C9 H19 N O3 S'
GOL non-polymer GLYCEROL 'C3 H8 O3'
PO4 non-polymer 'PHOSPHATE ION' 'O4 P -3'
#
# COMPACT_ATOMS: atom_id res chain seq x y z
N GLN A 32 -3.11 15.90 -18.62
CA GLN A 32 -2.02 16.02 -17.60
C GLN A 32 -2.23 15.04 -16.44
N PHE A 33 -1.24 14.95 -15.55
CA PHE A 33 -1.24 14.01 -14.40
C PHE A 33 -2.38 14.25 -13.39
N ARG A 34 -3.00 13.16 -12.90
CA ARG A 34 -4.15 13.19 -11.99
C ARG A 34 -3.87 12.38 -10.71
N TYR A 35 -4.72 12.57 -9.69
CA TYR A 35 -4.67 11.73 -8.48
C TYR A 35 -5.51 10.48 -8.69
N GLU A 36 -4.97 9.37 -8.20
CA GLU A 36 -5.59 8.07 -8.36
C GLU A 36 -5.12 7.27 -7.16
N SER A 37 -6.04 6.66 -6.42
CA SER A 37 -5.64 5.70 -5.40
C SER A 37 -4.92 4.54 -6.10
N GLN A 38 -3.83 4.09 -5.50
CA GLN A 38 -3.17 2.86 -5.92
C GLN A 38 -3.92 1.61 -5.50
N LEU A 39 -4.82 1.72 -4.54
CA LEU A 39 -5.82 0.67 -4.31
C LEU A 39 -6.93 0.85 -5.36
N GLN A 40 -7.16 -0.18 -6.16
CA GLN A 40 -8.14 -0.17 -7.25
C GLN A 40 -8.99 -1.43 -7.21
N MET A 41 -10.29 -1.25 -7.39
CA MET A 41 -11.19 -2.34 -7.63
C MET A 41 -11.11 -2.69 -9.11
N VAL A 42 -11.21 -3.97 -9.43
CA VAL A 42 -11.21 -4.43 -10.82
C VAL A 42 -12.29 -5.46 -11.02
N GLN A 43 -12.67 -5.65 -12.29
CA GLN A 43 -13.58 -6.71 -12.67
C GLN A 43 -12.96 -7.53 -13.76
N VAL A 44 -12.89 -8.83 -13.53
CA VAL A 44 -12.35 -9.77 -14.50
C VAL A 44 -13.38 -10.04 -15.60
N THR A 45 -12.96 -9.93 -16.86
CA THR A 45 -13.80 -10.21 -18.03
C THR A 45 -13.42 -11.47 -18.82
N GLY A 46 -12.27 -12.05 -18.56
CA GLY A 46 -11.93 -13.38 -19.08
C GLY A 46 -10.89 -14.06 -18.23
N SER A 47 -10.22 -15.07 -18.78
CA SER A 47 -9.21 -15.84 -18.01
C SER A 47 -7.74 -15.48 -18.35
N SER A 48 -7.50 -14.69 -19.39
CA SER A 48 -6.16 -14.11 -19.61
C SER A 48 -5.95 -12.89 -18.70
N ASP A 49 -4.70 -12.69 -18.31
CA ASP A 49 -4.33 -11.66 -17.34
C ASP A 49 -4.74 -10.23 -17.71
N ASN A 50 -4.75 -9.90 -19.01
CA ASN A 50 -5.13 -8.56 -19.48
C ASN A 50 -6.66 -8.33 -19.60
N GLU A 51 -7.46 -9.37 -19.34
CA GLU A 51 -8.91 -9.27 -19.48
C GLU A 51 -9.54 -8.86 -18.17
N TYR A 52 -9.49 -7.56 -17.93
CA TYR A 52 -10.11 -6.96 -16.77
C TYR A 52 -10.23 -5.51 -17.09
N PHE A 53 -11.08 -4.81 -16.35
CA PHE A 53 -11.08 -3.36 -16.39
C PHE A 53 -11.17 -2.81 -14.98
N TYR A 54 -10.90 -1.51 -14.86
CA TYR A 54 -10.86 -0.83 -13.58
C TYR A 54 -12.24 -0.28 -13.26
N VAL A 55 -12.71 -0.58 -12.05
CA VAL A 55 -14.03 -0.12 -11.63
C VAL A 55 -13.91 1.32 -11.19
N ASP A 56 -14.74 2.19 -11.75
CA ASP A 56 -14.79 3.61 -11.39
C ASP A 56 -16.11 3.93 -10.64
N PHE A 57 -15.93 4.53 -9.46
CA PHE A 57 -17.03 4.92 -8.60
C PHE A 57 -17.61 6.30 -8.86
N ARG A 58 -17.06 7.05 -9.79
CA ARG A 58 -17.58 8.39 -10.08
C ARG A 58 -19.10 8.49 -10.24
N GLU A 59 -19.73 7.51 -10.88
CA GLU A 59 -21.18 7.52 -11.11
C GLU A 59 -21.99 6.85 -9.99
N TYR A 60 -21.31 6.20 -9.04
CA TYR A 60 -21.98 5.59 -7.88
C TYR A 60 -22.25 6.66 -6.83
N GLU A 61 -23.19 6.40 -5.92
CA GLU A 61 -23.57 7.41 -4.92
C GLU A 61 -22.87 7.15 -3.61
N TYR A 62 -22.57 8.24 -2.92
CA TYR A 62 -21.84 8.20 -1.67
C TYR A 62 -22.84 7.94 -0.57
N ASP A 63 -22.55 6.99 0.30
CA ASP A 63 -23.44 6.64 1.42
C ASP A 63 -23.24 7.61 2.62
N LEU A 64 -24.28 8.40 2.92
CA LEU A 64 -24.19 9.50 3.89
C LEU A 64 -24.04 9.09 5.35
N LYS A 65 -24.26 7.83 5.68
CA LYS A 65 -24.01 7.38 7.04
C LYS A 65 -22.53 7.50 7.48
N TRP A 66 -21.62 7.69 6.52
CA TRP A 66 -20.18 7.90 6.80
C TRP A 66 -19.83 9.35 7.13
N GLU A 67 -20.80 10.25 6.96
CA GLU A 67 -20.52 11.66 7.13
C GLU A 67 -20.28 12.03 8.60
N PHE A 68 -19.21 12.77 8.83
CA PHE A 68 -18.74 13.11 10.18
C PHE A 68 -18.64 14.62 10.24
N PRO A 69 -18.89 15.24 11.42
CA PRO A 69 -18.85 16.70 11.46
C PRO A 69 -17.41 17.24 11.55
N ARG A 70 -17.06 18.20 10.68
CA ARG A 70 -15.70 18.78 10.64
C ARG A 70 -15.29 19.54 11.93
N GLU A 71 -16.29 20.02 12.65
CA GLU A 71 -16.10 20.72 13.93
C GLU A 71 -15.41 19.81 14.95
N ASN A 72 -15.66 18.50 14.86
CA ASN A 72 -15.10 17.52 15.80
C ASN A 72 -13.67 17.03 15.45
N LEU A 73 -13.03 17.65 14.46
CA LEU A 73 -11.63 17.37 14.15
C LEU A 73 -10.72 18.47 14.68
N GLU A 74 -9.72 18.08 15.47
CA GLU A 74 -8.66 18.98 15.95
C GLU A 74 -7.36 18.56 15.23
N PHE A 75 -6.88 19.41 14.30
CA PHE A 75 -5.67 19.08 13.48
C PHE A 75 -4.32 19.20 14.21
N GLY A 76 -3.39 18.32 13.85
CA GLY A 76 -2.03 18.31 14.38
C GLY A 76 -0.98 18.51 13.30
N LYS A 77 0.10 17.74 13.39
CA LYS A 77 1.21 17.82 12.42
C LYS A 77 0.81 17.31 11.01
N VAL A 78 1.56 17.76 10.01
CA VAL A 78 1.52 17.14 8.68
C VAL A 78 2.36 15.86 8.68
N LEU A 79 1.68 14.73 8.54
CA LEU A 79 2.31 13.41 8.37
C LEU A 79 3.07 13.31 7.04
N GLY A 80 2.52 13.90 5.98
CA GLY A 80 3.17 13.89 4.68
C GLY A 80 2.40 14.72 3.69
N SER A 81 3.11 15.24 2.69
CA SER A 81 2.55 16.21 1.75
C SER A 81 3.05 15.91 0.33
N GLY A 82 2.11 15.87 -0.63
CA GLY A 82 2.39 15.59 -2.04
C GLY A 82 2.05 16.77 -2.90
N ALA A 83 2.05 16.56 -4.21
CA ALA A 83 1.72 17.62 -5.17
C ALA A 83 0.25 18.02 -5.08
N PHE A 84 -0.63 17.02 -5.01
CA PHE A 84 -2.08 17.24 -4.99
C PHE A 84 -2.68 17.46 -3.60
N GLY A 85 -2.10 16.87 -2.55
CA GLY A 85 -2.72 16.94 -1.25
C GLY A 85 -1.80 16.53 -0.14
N LYS A 86 -2.37 16.22 1.01
CA LYS A 86 -1.62 15.80 2.17
C LYS A 86 -2.42 14.95 3.13
N VAL A 87 -1.70 14.34 4.05
CA VAL A 87 -2.25 13.54 5.12
C VAL A 87 -1.80 14.21 6.40
N MET A 88 -2.72 14.41 7.33
CA MET A 88 -2.43 15.07 8.62
C MET A 88 -2.91 14.24 9.78
N ASN A 89 -2.20 14.33 10.89
CA ASN A 89 -2.66 13.75 12.15
C ASN A 89 -3.77 14.66 12.65
N ALA A 90 -4.73 14.06 13.34
CA ALA A 90 -5.76 14.84 14.00
C ALA A 90 -6.37 14.07 15.15
N THR A 91 -7.12 14.80 15.98
CA THR A 91 -7.92 14.23 17.06
C THR A 91 -9.40 14.33 16.67
N ALA A 92 -10.11 13.21 16.77
CA ALA A 92 -11.49 13.12 16.36
C ALA A 92 -12.30 12.83 17.60
N TYR A 93 -13.23 13.73 17.92
CA TYR A 93 -14.16 13.54 19.02
C TYR A 93 -15.39 12.74 18.57
N GLY A 94 -15.63 11.61 19.22
CA GLY A 94 -16.88 10.86 19.05
C GLY A 94 -16.96 9.95 17.83
N ILE A 95 -15.83 9.67 17.19
CA ILE A 95 -15.78 8.85 15.97
C ILE A 95 -15.98 7.36 16.22
N SER A 96 -15.44 6.85 17.33
CA SER A 96 -15.44 5.42 17.66
C SER A 96 -16.41 5.09 18.80
N LYS A 97 -16.42 5.93 19.85
CA LYS A 97 -17.37 5.83 20.96
C LYS A 97 -17.75 7.21 21.45
N THR A 98 -18.90 7.30 22.12
CA THR A 98 -19.43 8.58 22.63
C THR A 98 -18.56 9.12 23.77
N GLY A 99 -18.23 10.41 23.68
CA GLY A 99 -17.42 11.11 24.69
C GLY A 99 -15.91 10.89 24.62
N VAL A 100 -15.45 10.13 23.61
CA VAL A 100 -14.08 9.64 23.55
C VAL A 100 -13.36 10.25 22.35
N SER A 101 -12.26 10.98 22.61
CA SER A 101 -11.37 11.44 21.55
C SER A 101 -10.32 10.38 21.21
N ILE A 102 -10.13 10.09 19.92
CA ILE A 102 -9.01 9.24 19.45
C ILE A 102 -8.22 9.90 18.35
N GLN A 103 -7.03 9.34 18.11
CA GLN A 103 -6.13 9.82 17.07
C GLN A 103 -6.52 9.19 15.73
N VAL A 104 -6.48 10.01 14.69
CA VAL A 104 -6.82 9.62 13.33
C VAL A 104 -5.87 10.26 12.34
N ALA A 105 -5.95 9.80 11.09
CA ALA A 105 -5.19 10.40 9.98
C ALA A 105 -6.17 10.85 8.91
N VAL A 106 -5.96 12.06 8.39
CA VAL A 106 -6.92 12.72 7.53
C VAL A 106 -6.29 13.02 6.18
N LYS A 107 -6.76 12.37 5.12
CA LYS A 107 -6.43 12.79 3.75
C LYS A 107 -7.22 14.01 3.34
N MET A 108 -6.55 14.98 2.70
CA MET A 108 -7.23 16.16 2.16
C MET A 108 -6.47 16.70 0.98
N LEU A 109 -7.14 17.56 0.23
CA LEU A 109 -6.53 18.23 -0.90
C LEU A 109 -5.89 19.54 -0.46
N LYS A 110 -4.93 20.01 -1.25
CA LYS A 110 -4.36 21.34 -1.10
C LYS A 110 -5.34 22.37 -1.64
N GLU A 111 -5.17 23.63 -1.25
CA GLU A 111 -6.21 24.67 -1.38
C GLU A 111 -6.67 25.01 -2.81
N LYS A 112 -5.86 24.73 -3.84
CA LYS A 112 -6.28 24.98 -5.24
C LYS A 112 -7.65 24.35 -5.59
N ALA A 113 -7.90 23.14 -5.09
CA ALA A 113 -9.21 22.49 -5.13
C ALA A 113 -9.80 22.36 -6.54
N ASP A 114 -8.95 21.96 -7.49
CA ASP A 114 -9.39 21.65 -8.86
C ASP A 114 -10.48 20.56 -8.79
N SER A 115 -11.58 20.78 -9.50
CA SER A 115 -12.79 19.93 -9.36
C SER A 115 -12.59 18.46 -9.81
N SER A 116 -11.62 18.22 -10.69
CA SER A 116 -11.25 16.86 -11.12
C SER A 116 -10.58 16.07 -10.01
N GLU A 117 -9.73 16.76 -9.25
CA GLU A 117 -9.02 16.16 -8.09
C GLU A 117 -9.99 15.88 -6.94
N ARG A 118 -11.01 16.73 -6.83
CA ARG A 118 -12.07 16.56 -5.85
C ARG A 118 -12.81 15.23 -6.06
N GLU A 119 -13.24 14.96 -7.30
CA GLU A 119 -13.92 13.70 -7.61
C GLU A 119 -13.03 12.46 -7.54
N ALA A 120 -11.74 12.59 -7.83
CA ALA A 120 -10.82 11.47 -7.61
C ALA A 120 -10.86 11.02 -6.16
N LEU A 121 -10.95 11.99 -5.26
CA LEU A 121 -10.94 11.70 -3.84
C LEU A 121 -12.29 11.20 -3.33
N MET A 122 -13.39 11.72 -3.90
CA MET A 122 -14.72 11.10 -3.67
C MET A 122 -14.78 9.64 -4.14
N SER A 123 -14.09 9.33 -5.24
CA SER A 123 -14.10 7.96 -5.75
C SER A 123 -13.37 6.99 -4.85
N GLU A 124 -12.29 7.48 -4.22
CA GLU A 124 -11.58 6.68 -3.23
C GLU A 124 -12.45 6.45 -1.98
N LEU A 125 -13.17 7.50 -1.58
CA LEU A 125 -14.10 7.42 -0.46
C LEU A 125 -15.12 6.33 -0.72
N LYS A 126 -15.80 6.41 -1.87
CA LYS A 126 -16.87 5.45 -2.19
C LYS A 126 -16.30 4.05 -2.25
N MET A 127 -15.16 3.92 -2.91
CA MET A 127 -14.47 2.64 -2.94
C MET A 127 -14.19 2.05 -1.55
N MET A 128 -13.62 2.85 -0.66
CA MET A 128 -13.26 2.36 0.68
C MET A 128 -14.49 2.06 1.53
N THR A 129 -15.59 2.81 1.35
CA THR A 129 -16.87 2.46 2.01
C THR A 129 -17.44 1.08 1.60
N GLN A 130 -17.14 0.61 0.39
CA GLN A 130 -17.57 -0.71 -0.10
C GLN A 130 -16.67 -1.87 0.29
N LEU A 131 -15.42 -1.59 0.61
CA LEU A 131 -14.45 -2.64 0.98
C LEU A 131 -14.85 -3.44 2.22
N GLY A 132 -15.30 -2.72 3.25
CA GLY A 132 -15.41 -3.29 4.58
C GLY A 132 -14.08 -3.20 5.27
N SER A 133 -14.04 -3.52 6.54
CA SER A 133 -12.82 -3.35 7.31
C SER A 133 -12.09 -4.67 7.44
N HIS A 134 -10.83 -4.58 7.86
CA HIS A 134 -9.97 -5.74 8.08
C HIS A 134 -8.82 -5.30 8.97
N GLU A 135 -8.31 -6.21 9.79
CA GLU A 135 -7.30 -5.86 10.78
C GLU A 135 -6.04 -5.32 10.13
N ASN A 136 -5.66 -5.93 9.02
CA ASN A 136 -4.49 -5.58 8.22
C ASN A 136 -4.66 -4.59 7.06
N ILE A 137 -5.69 -3.75 7.13
CA ILE A 137 -5.89 -2.63 6.20
C ILE A 137 -6.07 -1.37 7.04
N VAL A 138 -5.54 -0.24 6.58
CA VAL A 138 -5.82 1.05 7.19
C VAL A 138 -7.26 1.43 6.80
N ASN A 139 -8.19 1.24 7.73
CA ASN A 139 -9.62 1.40 7.47
C ASN A 139 -10.11 2.83 7.56
N LEU A 140 -11.06 3.15 6.68
CA LEU A 140 -11.83 4.38 6.70
C LEU A 140 -12.78 4.38 7.89
N LEU A 141 -12.77 5.49 8.63
CA LEU A 141 -13.65 5.70 9.79
C LEU A 141 -14.82 6.66 9.48
N GLY A 142 -14.57 7.69 8.69
CA GLY A 142 -15.62 8.60 8.27
C GLY A 142 -15.13 9.60 7.25
N ALA A 143 -15.97 10.58 6.93
CA ALA A 143 -15.60 11.62 5.98
C ALA A 143 -16.36 12.91 6.18
N CYS A 144 -15.81 14.00 5.65
CA CYS A 144 -16.42 15.31 5.72
C CYS A 144 -16.47 15.82 4.29
N THR A 145 -17.66 16.02 3.74
CA THR A 145 -17.84 16.25 2.29
C THR A 145 -18.83 17.35 1.90
N LEU A 146 -19.59 17.89 2.86
CA LEU A 146 -20.77 18.68 2.53
C LEU A 146 -20.56 20.17 2.79
N SER A 147 -20.15 20.54 4.00
CA SER A 147 -20.02 21.97 4.36
C SER A 147 -18.61 22.56 4.17
N GLY A 148 -17.74 21.87 3.43
CA GLY A 148 -16.35 22.36 3.28
C GLY A 148 -15.46 21.53 2.37
N PRO A 149 -14.13 21.74 2.46
CA PRO A 149 -13.23 20.86 1.71
C PRO A 149 -13.31 19.40 2.17
N ILE A 150 -13.06 18.48 1.25
CA ILE A 150 -13.20 17.07 1.50
C ILE A 150 -12.12 16.56 2.44
N TYR A 151 -12.53 15.86 3.49
CA TYR A 151 -11.64 15.08 4.36
C TYR A 151 -12.02 13.59 4.37
N LEU A 152 -11.05 12.71 4.20
CA LEU A 152 -11.24 11.28 4.46
C LEU A 152 -10.51 10.97 5.74
N ILE A 153 -11.18 10.24 6.62
CA ILE A 153 -10.65 10.03 7.96
C ILE A 153 -10.35 8.56 8.17
N PHE A 154 -9.09 8.28 8.51
CA PHE A 154 -8.55 6.93 8.65
C PHE A 154 -8.05 6.63 10.07
N GLU A 155 -7.97 5.35 10.40
CA GLU A 155 -7.29 4.89 11.61
C GLU A 155 -5.89 5.49 11.62
N TYR A 156 -5.42 5.93 12.79
CA TYR A 156 -4.02 6.35 12.97
C TYR A 156 -3.17 5.15 13.27
N CYS A 157 -1.95 5.14 12.74
CA CYS A 157 -0.97 4.09 13.02
C CYS A 157 0.28 4.73 13.63
N CYS A 158 0.50 4.53 14.93
CA CYS A 158 1.45 5.37 15.68
C CYS A 158 2.91 5.23 15.27
N TYR A 159 3.33 4.04 14.81
CA TYR A 159 4.75 3.81 14.51
C TYR A 159 5.23 4.10 13.08
N GLY A 160 4.34 4.58 12.21
CA GLY A 160 4.68 4.99 10.85
C GLY A 160 4.75 3.85 9.84
N ASP A 161 5.37 4.15 8.71
CA ASP A 161 5.58 3.17 7.66
C ASP A 161 6.59 2.09 8.08
N LEU A 162 6.31 0.87 7.65
CA LEU A 162 7.16 -0.28 7.89
C LEU A 162 8.62 -0.12 7.44
N LEU A 163 8.85 0.53 6.30
CA LEU A 163 10.21 0.72 5.81
C LEU A 163 11.09 1.50 6.80
N ASN A 164 10.64 2.68 7.21
CA ASN A 164 11.35 3.45 8.25
C ASN A 164 11.47 2.75 9.61
N TYR A 165 10.46 1.96 9.95
CA TYR A 165 10.44 1.22 11.19
C TYR A 165 11.54 0.16 11.22
N LEU A 166 11.58 -0.69 10.21
CA LEU A 166 12.64 -1.67 10.04
C LEU A 166 14.04 -1.02 10.08
N ARG A 167 14.21 0.08 9.34
CA ARG A 167 15.48 0.81 9.27
C ARG A 167 15.93 1.40 10.60
N SER A 168 14.96 1.88 11.39
N SER A 168 14.97 1.87 11.40
CA SER A 168 15.21 2.38 12.75
CA SER A 168 15.26 2.39 12.74
C SER A 168 15.73 1.30 13.70
C SER A 168 15.71 1.31 13.72
N LYS A 169 15.38 0.04 13.43
CA LYS A 169 15.75 -1.09 14.28
C LYS A 169 16.91 -1.98 13.74
N ARG A 170 17.83 -1.40 12.96
CA ARG A 170 19.00 -2.16 12.45
C ARG A 170 20.00 -2.48 13.56
N GLU A 171 20.24 -1.52 14.44
CA GLU A 171 21.14 -1.69 15.57
C GLU A 171 20.41 -2.18 16.83
N LYS A 172 19.15 -2.62 16.72
CA LYS A 172 18.33 -3.08 17.85
C LYS A 172 17.66 -4.43 17.56
N PHE A 173 18.31 -5.30 16.77
CA PHE A 173 17.74 -6.59 16.35
C PHE A 173 18.40 -7.77 17.09
N SER A 174 17.58 -8.69 17.58
CA SER A 174 18.06 -9.94 18.19
C SER A 174 17.70 -11.16 17.35
N ASN A 193 11.36 -2.21 22.39
CA ASN A 193 12.14 -1.77 21.24
C ASN A 193 12.96 -2.88 20.54
N VAL A 194 13.11 -4.05 21.16
CA VAL A 194 13.82 -5.16 20.53
C VAL A 194 12.99 -5.78 19.39
N LEU A 195 13.64 -6.00 18.25
CA LEU A 195 13.03 -6.64 17.07
C LEU A 195 13.63 -8.03 16.86
N THR A 196 12.79 -9.04 16.73
CA THR A 196 13.25 -10.42 16.62
C THR A 196 12.88 -10.98 15.26
N PHE A 197 13.31 -12.20 15.01
CA PHE A 197 13.00 -12.90 13.78
C PHE A 197 11.51 -13.24 13.65
N GLU A 198 10.86 -13.61 14.75
CA GLU A 198 9.42 -13.96 14.69
C GLU A 198 8.55 -12.73 14.39
N ASP A 199 8.94 -11.56 14.90
CA ASP A 199 8.32 -10.29 14.51
C ASP A 199 8.33 -10.07 12.99
N LEU A 200 9.48 -10.33 12.34
CA LEU A 200 9.61 -10.19 10.88
C LEU A 200 8.70 -11.16 10.13
N LEU A 201 8.64 -12.38 10.64
CA LEU A 201 7.79 -13.42 10.06
C LEU A 201 6.29 -13.10 10.22
N CYS A 202 5.98 -12.42 11.31
CA CYS A 202 4.63 -12.03 11.63
C CYS A 202 4.16 -10.87 10.72
N PHE A 203 5.04 -9.88 10.53
CA PHE A 203 4.84 -8.83 9.54
C PHE A 203 4.55 -9.42 8.17
N ALA A 204 5.34 -10.39 7.74
CA ALA A 204 5.14 -11.04 6.45
C ALA A 204 3.77 -11.67 6.37
N TYR A 205 3.42 -12.44 7.38
CA TYR A 205 2.11 -13.11 7.49
C TYR A 205 0.93 -12.13 7.42
N GLN A 206 1.02 -11.05 8.19
CA GLN A 206 -0.03 -10.04 8.23
C GLN A 206 -0.24 -9.32 6.89
N VAL A 207 0.85 -8.97 6.20
CA VAL A 207 0.71 -8.33 4.90
C VAL A 207 0.04 -9.26 3.89
N ALA A 208 0.43 -10.54 3.90
CA ALA A 208 -0.22 -11.56 3.04
C ALA A 208 -1.71 -11.70 3.35
N LYS A 209 -2.04 -11.63 4.64
CA LYS A 209 -3.40 -11.72 5.12
C LYS A 209 -4.22 -10.53 4.57
N GLY A 210 -3.65 -9.34 4.71
CA GLY A 210 -4.23 -8.13 4.11
C GLY A 210 -4.46 -8.25 2.61
N MET A 211 -3.52 -8.84 1.87
CA MET A 211 -3.67 -9.02 0.44
C MET A 211 -4.67 -10.10 0.06
N GLU A 212 -4.86 -11.09 0.93
CA GLU A 212 -5.90 -12.10 0.75
C GLU A 212 -7.27 -11.42 0.80
N PHE A 213 -7.41 -10.47 1.72
CA PHE A 213 -8.63 -9.72 1.85
C PHE A 213 -8.93 -8.95 0.55
N LEU A 214 -7.93 -8.24 0.05
CA LEU A 214 -8.12 -7.46 -1.17
C LEU A 214 -8.42 -8.36 -2.37
N GLU A 215 -7.80 -9.53 -2.44
CA GLU A 215 -8.11 -10.47 -3.50
C GLU A 215 -9.57 -10.90 -3.47
N PHE A 216 -10.05 -11.22 -2.27
CA PHE A 216 -11.41 -11.73 -2.06
C PHE A 216 -12.43 -10.62 -2.36
N LYS A 217 -12.08 -9.39 -2.05
CA LYS A 217 -12.86 -8.20 -2.43
C LYS A 217 -12.59 -7.66 -3.86
N SER A 218 -11.82 -8.39 -4.66
CA SER A 218 -11.57 -8.06 -6.07
C SER A 218 -10.81 -6.74 -6.30
N CYS A 219 -9.84 -6.46 -5.44
CA CYS A 219 -9.00 -5.30 -5.57
C CYS A 219 -7.60 -5.73 -5.88
N VAL A 220 -6.83 -4.78 -6.41
CA VAL A 220 -5.38 -4.89 -6.52
C VAL A 220 -4.77 -3.65 -5.89
N HIS A 221 -3.52 -3.77 -5.49
CA HIS A 221 -2.72 -2.64 -5.01
C HIS A 221 -1.63 -2.42 -6.05
N ARG A 222 -1.61 -1.27 -6.70
CA ARG A 222 -0.67 -1.02 -7.76
C ARG A 222 0.72 -0.49 -7.31
N ASP A 223 0.94 -0.46 -5.99
CA ASP A 223 2.14 0.07 -5.39
C ASP A 223 2.37 -0.62 -4.01
N LEU A 224 2.26 -1.95 -4.00
CA LEU A 224 2.57 -2.71 -2.78
C LEU A 224 4.06 -2.67 -2.51
N ALA A 225 4.43 -2.07 -1.38
CA ALA A 225 5.80 -1.98 -0.92
C ALA A 225 5.76 -1.63 0.56
N ALA A 226 6.90 -1.81 1.22
CA ALA A 226 6.99 -1.54 2.66
C ALA A 226 6.74 -0.10 3.04
N ARG A 227 7.07 0.83 2.16
CA ARG A 227 6.74 2.26 2.40
C ARG A 227 5.21 2.55 2.47
N ASN A 228 4.39 1.62 1.97
CA ASN A 228 2.91 1.67 2.03
C ASN A 228 2.25 0.70 2.99
N VAL A 229 3.02 0.17 3.94
CA VAL A 229 2.50 -0.64 5.00
C VAL A 229 2.76 0.18 6.26
N LEU A 230 1.79 0.25 7.16
CA LEU A 230 1.94 1.01 8.41
C LEU A 230 2.00 0.09 9.61
N VAL A 231 2.58 0.62 10.68
CA VAL A 231 2.79 -0.14 11.91
C VAL A 231 2.08 0.55 13.07
N THR A 232 1.38 -0.25 13.87
CA THR A 232 0.64 0.25 15.03
C THR A 232 0.86 -0.68 16.24
N HIS A 233 0.19 -0.38 17.35
CA HIS A 233 0.33 -1.16 18.61
C HIS A 233 0.19 -2.67 18.40
N GLY A 234 0.91 -3.42 19.22
CA GLY A 234 0.88 -4.87 19.21
C GLY A 234 1.63 -5.52 18.05
N LYS A 235 2.57 -4.79 17.43
CA LYS A 235 3.28 -5.28 16.23
C LYS A 235 2.31 -5.51 15.04
N VAL A 236 1.21 -4.77 15.02
CA VAL A 236 0.19 -4.97 14.01
C VAL A 236 0.55 -4.10 12.82
N VAL A 237 0.44 -4.66 11.62
CA VAL A 237 0.74 -3.93 10.39
C VAL A 237 -0.47 -3.90 9.45
N LYS A 238 -0.54 -2.79 8.71
CA LYS A 238 -1.70 -2.46 7.92
C LYS A 238 -1.31 -1.92 6.56
N ILE A 239 -1.90 -2.47 5.51
CA ILE A 239 -1.67 -2.00 4.15
C ILE A 239 -2.49 -0.74 3.92
N CYS A 240 -1.88 0.27 3.32
CA CYS A 240 -2.59 1.48 2.95
C CYS A 240 -2.20 1.98 1.57
N ASP A 241 -2.85 3.06 1.15
CA ASP A 241 -2.48 3.79 -0.04
C ASP A 241 -2.00 5.18 0.42
N PHE A 242 -0.69 5.38 0.42
CA PHE A 242 -0.06 6.60 0.95
C PHE A 242 0.21 7.62 -0.17
N GLY A 243 -0.31 7.40 -1.37
CA GLY A 243 0.11 8.16 -2.56
C GLY A 243 -0.12 9.66 -2.59
N LEU A 244 -1.19 10.12 -1.92
CA LEU A 244 -1.49 11.55 -1.83
C LEU A 244 -0.47 12.33 -1.00
N ALA A 245 0.17 11.64 -0.05
CA ALA A 245 1.22 12.23 0.79
C ALA A 245 2.66 12.20 0.21
N ARG A 246 2.82 11.86 -1.08
N ARG A 246 2.81 11.87 -1.08
CA ARG A 246 4.14 11.68 -1.68
CA ARG A 246 4.13 11.66 -1.70
C ARG A 246 4.34 12.46 -2.96
C ARG A 246 4.34 12.48 -2.95
N ASP A 247 5.61 12.77 -3.24
CA ASP A 247 6.04 13.60 -4.37
C ASP A 247 7.17 12.91 -5.18
N ILE A 248 7.64 13.57 -6.24
CA ILE A 248 8.88 13.21 -6.98
C ILE A 248 10.17 13.63 -6.27
N MET A 249 10.09 14.66 -5.42
CA MET A 249 11.21 15.08 -4.58
C MET A 249 11.48 14.12 -3.42
N SER A 250 10.42 13.70 -2.74
CA SER A 250 10.50 12.71 -1.66
C SER A 250 11.15 11.36 -2.08
N ASP A 251 10.89 10.91 -3.32
CA ASP A 251 11.25 9.55 -3.76
C ASP A 251 11.89 9.43 -5.16
N SER A 252 13.11 8.88 -5.18
CA SER A 252 13.77 8.41 -6.40
C SER A 252 13.41 6.96 -6.76
N ASN A 253 12.65 6.26 -5.90
CA ASN A 253 12.11 4.92 -6.25
C ASN A 253 10.96 4.92 -7.29
N TYR A 254 10.46 6.10 -7.66
CA TYR A 254 9.46 6.27 -8.72
C TYR A 254 10.11 6.94 -9.91
N VAL A 255 9.88 6.38 -11.09
CA VAL A 255 10.37 6.90 -12.36
C VAL A 255 9.24 7.64 -13.11
N VAL A 256 9.49 8.91 -13.45
CA VAL A 256 8.58 9.70 -14.26
C VAL A 256 8.56 9.20 -15.69
N ARG A 257 7.37 8.95 -16.23
CA ARG A 257 7.21 8.56 -17.63
C ARG A 257 5.87 9.08 -18.12
N GLY A 258 5.87 10.30 -18.65
CA GLY A 258 4.65 11.00 -19.07
C GLY A 258 3.72 11.27 -17.90
N ASN A 259 2.50 10.71 -17.98
CA ASN A 259 1.54 10.76 -16.89
C ASN A 259 1.85 9.80 -15.73
N ALA A 260 2.59 8.74 -15.99
CA ALA A 260 2.80 7.71 -14.99
C ALA A 260 3.95 8.05 -14.02
N ARG A 261 3.87 7.45 -12.82
CA ARG A 261 4.94 7.48 -11.80
C ARG A 261 5.12 6.04 -11.31
N LEU A 262 6.17 5.40 -11.78
CA LEU A 262 6.28 3.95 -11.76
C LEU A 262 7.30 3.47 -10.73
N PRO A 263 6.88 2.63 -9.75
CA PRO A 263 7.80 2.08 -8.75
C PRO A 263 8.53 0.85 -9.33
N VAL A 264 9.44 1.12 -10.25
CA VAL A 264 9.98 0.11 -11.16
C VAL A 264 10.52 -1.15 -10.47
N LYS A 265 11.23 -1.01 -9.37
CA LYS A 265 11.86 -2.18 -8.75
C LYS A 265 10.88 -3.10 -8.03
N TRP A 266 9.61 -2.67 -7.87
CA TRP A 266 8.55 -3.45 -7.23
C TRP A 266 7.61 -4.08 -8.26
N MET A 267 7.72 -3.68 -9.51
CA MET A 267 6.76 -4.04 -10.54
C MET A 267 7.04 -5.37 -11.20
N ALA A 268 5.97 -6.14 -11.43
CA ALA A 268 6.09 -7.42 -12.11
C ALA A 268 6.41 -7.17 -13.58
N PRO A 269 6.96 -8.18 -14.26
CA PRO A 269 7.28 -8.00 -15.66
C PRO A 269 6.08 -7.56 -16.50
N GLU A 270 4.94 -8.23 -16.35
CA GLU A 270 3.73 -7.85 -17.10
C GLU A 270 3.28 -6.42 -16.81
N SER A 271 3.50 -5.92 -15.60
CA SER A 271 3.25 -4.51 -15.31
C SER A 271 4.23 -3.61 -16.06
N LEU A 272 5.54 -3.91 -15.96
CA LEU A 272 6.59 -3.13 -16.66
C LEU A 272 6.44 -3.09 -18.17
N PHE A 273 6.11 -4.23 -18.78
CA PHE A 273 6.16 -4.36 -20.23
C PHE A 273 4.82 -4.21 -20.92
N GLU A 274 3.71 -4.50 -20.24
CA GLU A 274 2.40 -4.41 -20.85
C GLU A 274 1.40 -3.51 -20.18
N GLY A 275 1.71 -2.98 -18.98
CA GLY A 275 0.79 -2.13 -18.21
C GLY A 275 -0.32 -2.88 -17.48
N ILE A 276 -0.13 -4.19 -17.30
CA ILE A 276 -1.10 -5.11 -16.67
C ILE A 276 -0.86 -5.14 -15.17
N TYR A 277 -1.89 -4.87 -14.37
CA TYR A 277 -1.84 -5.01 -12.92
C TYR A 277 -2.97 -5.93 -12.47
N THR A 278 -2.62 -7.13 -12.03
CA THR A 278 -3.54 -8.11 -11.48
C THR A 278 -3.10 -8.52 -10.08
N ILE A 279 -3.85 -9.41 -9.44
CA ILE A 279 -3.47 -9.89 -8.12
C ILE A 279 -2.19 -10.74 -8.17
N LYS A 280 -1.89 -11.36 -9.30
CA LYS A 280 -0.64 -12.11 -9.43
C LYS A 280 0.58 -11.17 -9.61
N SER A 281 0.36 -9.98 -10.17
CA SER A 281 1.38 -8.91 -10.14
C SER A 281 1.73 -8.55 -8.70
N ASP A 282 0.70 -8.42 -7.86
CA ASP A 282 0.87 -8.14 -6.45
C ASP A 282 1.68 -9.20 -5.71
N VAL A 283 1.60 -10.45 -6.17
CA VAL A 283 2.41 -11.52 -5.59
C VAL A 283 3.92 -11.27 -5.85
N TRP A 284 4.27 -10.90 -7.08
CA TRP A 284 5.61 -10.43 -7.40
C TRP A 284 6.03 -9.30 -6.44
N SER A 285 5.21 -8.26 -6.35
CA SER A 285 5.48 -7.12 -5.46
C SER A 285 5.67 -7.54 -4.03
N TYR A 286 4.85 -8.50 -3.60
CA TYR A 286 4.93 -9.07 -2.27
C TYR A 286 6.29 -9.74 -2.02
N GLY A 287 6.78 -10.46 -3.02
CA GLY A 287 8.12 -11.05 -2.94
C GLY A 287 9.19 -10.01 -2.66
N ILE A 288 9.09 -8.89 -3.38
CA ILE A 288 10.02 -7.78 -3.22
C ILE A 288 9.91 -7.20 -1.81
N LEU A 289 8.67 -7.08 -1.33
CA LEU A 289 8.41 -6.65 0.05
C LEU A 289 8.94 -7.64 1.10
N LEU A 290 8.87 -8.95 0.84
CA LEU A 290 9.54 -9.92 1.67
C LEU A 290 11.04 -9.69 1.76
N TRP A 291 11.68 -9.40 0.63
CA TRP A 291 13.11 -9.08 0.63
C TRP A 291 13.43 -7.85 1.48
N GLU A 292 12.58 -6.83 1.36
CA GLU A 292 12.68 -5.62 2.19
C GLU A 292 12.61 -5.95 3.70
N ILE A 293 11.67 -6.81 4.06
CA ILE A 293 11.47 -7.24 5.45
C ILE A 293 12.73 -7.96 5.95
N PHE A 294 13.13 -8.99 5.23
CA PHE A 294 14.24 -9.83 5.64
C PHE A 294 15.66 -9.28 5.33
N SER A 295 15.75 -8.04 4.88
CA SER A 295 17.00 -7.31 4.87
C SER A 295 16.96 -6.10 5.82
N LEU A 296 15.89 -5.96 6.61
CA LEU A 296 15.60 -4.72 7.36
C LEU A 296 15.65 -3.43 6.53
N GLY A 297 14.92 -3.47 5.41
CA GLY A 297 14.59 -2.26 4.67
C GLY A 297 15.64 -1.80 3.69
N VAL A 298 16.37 -2.74 3.11
CA VAL A 298 17.36 -2.35 2.09
C VAL A 298 16.58 -2.11 0.80
N ASN A 299 17.05 -1.11 0.02
CA ASN A 299 16.52 -0.81 -1.29
C ASN A 299 16.71 -2.07 -2.12
N PRO A 300 15.64 -2.55 -2.78
CA PRO A 300 15.78 -3.72 -3.68
C PRO A 300 16.78 -3.50 -4.83
N TYR A 301 17.35 -4.61 -5.32
CA TYR A 301 18.43 -4.61 -6.31
C TYR A 301 19.49 -3.59 -5.91
N PRO A 302 20.04 -3.75 -4.70
CA PRO A 302 20.89 -2.70 -4.15
C PRO A 302 22.09 -2.38 -5.04
N GLY A 303 22.37 -1.09 -5.20
CA GLY A 303 23.42 -0.64 -6.09
C GLY A 303 23.12 -0.66 -7.58
N ILE A 304 22.04 -1.28 -8.00
CA ILE A 304 21.68 -1.33 -9.41
C ILE A 304 20.76 -0.15 -9.71
N PRO A 305 21.13 0.72 -10.67
CA PRO A 305 20.27 1.86 -10.98
C PRO A 305 19.10 1.49 -11.87
N VAL A 306 18.06 2.33 -11.86
CA VAL A 306 16.93 2.16 -12.77
C VAL A 306 17.27 2.84 -14.09
N ASP A 307 17.41 2.02 -15.13
CA ASP A 307 17.72 2.46 -16.48
C ASP A 307 17.35 1.31 -17.43
N ALA A 308 17.56 1.48 -18.72
CA ALA A 308 17.24 0.44 -19.70
C ALA A 308 17.88 -0.95 -19.42
N ASN A 309 19.06 -0.99 -18.78
CA ASN A 309 19.68 -2.27 -18.38
C ASN A 309 18.89 -2.98 -17.29
N PHE A 310 18.22 -2.23 -16.43
CA PHE A 310 17.37 -2.81 -15.43
C PHE A 310 16.21 -3.54 -16.10
N TYR A 311 15.58 -2.93 -17.09
CA TYR A 311 14.50 -3.59 -17.83
C TYR A 311 15.00 -4.92 -18.43
N LYS A 312 16.23 -4.93 -18.94
CA LYS A 312 16.81 -6.14 -19.52
C LYS A 312 17.08 -7.23 -18.49
N LEU A 313 17.69 -6.88 -17.36
CA LEU A 313 17.82 -7.81 -16.24
C LEU A 313 16.54 -8.60 -15.96
N ILE A 314 15.44 -7.86 -15.80
CA ILE A 314 14.17 -8.43 -15.39
C ILE A 314 13.64 -9.33 -16.50
N GLN A 315 13.64 -8.84 -17.73
CA GLN A 315 13.32 -9.63 -18.91
C GLN A 315 14.06 -10.98 -18.93
N ASN A 316 15.36 -10.97 -18.65
CA ASN A 316 16.17 -12.19 -18.73
C ASN A 316 16.11 -13.12 -17.53
N GLY A 317 15.38 -12.76 -16.48
CA GLY A 317 15.16 -13.66 -15.35
C GLY A 317 16.02 -13.39 -14.13
N PHE A 318 16.64 -12.21 -14.05
CA PHE A 318 17.43 -11.82 -12.87
C PHE A 318 16.57 -11.80 -11.62
N LYS A 319 17.09 -12.36 -10.53
CA LYS A 319 16.40 -12.40 -9.24
C LYS A 319 17.39 -12.06 -8.17
N MET A 320 16.94 -11.35 -7.14
CA MET A 320 17.81 -11.01 -6.02
C MET A 320 18.26 -12.24 -5.24
N ASP A 321 19.36 -12.08 -4.51
CA ASP A 321 19.91 -13.09 -3.61
C ASP A 321 19.17 -13.12 -2.27
N GLN A 322 19.37 -14.22 -1.54
CA GLN A 322 18.87 -14.39 -0.19
C GLN A 322 19.44 -13.32 0.74
N PRO A 323 18.57 -12.50 1.37
CA PRO A 323 19.04 -11.46 2.32
C PRO A 323 19.41 -12.03 3.68
N PHE A 324 20.11 -11.27 4.51
CA PHE A 324 20.76 -11.84 5.71
C PHE A 324 19.78 -12.54 6.65
N TYR A 325 18.66 -11.87 6.97
CA TYR A 325 17.71 -12.34 7.99
C TYR A 325 16.69 -13.37 7.52
N ALA A 326 16.81 -13.86 6.29
CA ALA A 326 15.90 -14.87 5.79
C ALA A 326 16.44 -16.27 6.00
N THR A 327 15.54 -17.20 6.29
CA THR A 327 15.86 -18.62 6.20
C THR A 327 15.81 -19.05 4.75
N GLU A 328 16.37 -20.22 4.45
CA GLU A 328 16.33 -20.75 3.10
C GLU A 328 14.90 -21.04 2.60
N GLU A 329 13.98 -21.33 3.52
CA GLU A 329 12.61 -21.68 3.17
C GLU A 329 11.87 -20.44 2.75
N ILE A 330 12.07 -19.36 3.52
CA ILE A 330 11.54 -18.04 3.16
C ILE A 330 12.10 -17.54 1.80
N TYR A 331 13.36 -17.82 1.49
CA TYR A 331 13.94 -17.47 0.18
C TYR A 331 13.34 -18.28 -0.96
N ILE A 332 12.95 -19.52 -0.69
CA ILE A 332 12.27 -20.35 -1.70
C ILE A 332 10.89 -19.78 -2.04
N ILE A 333 10.19 -19.30 -1.02
CA ILE A 333 8.91 -18.57 -1.19
C ILE A 333 9.08 -17.31 -2.08
N MET A 334 10.00 -16.43 -1.68
CA MET A 334 10.41 -15.26 -2.48
C MET A 334 10.66 -15.57 -3.93
N GLN A 335 11.51 -16.57 -4.17
CA GLN A 335 11.88 -16.94 -5.54
C GLN A 335 10.69 -17.35 -6.41
N SER A 336 9.69 -18.02 -5.83
CA SER A 336 8.50 -18.43 -6.58
C SER A 336 7.54 -17.26 -6.82
N CYS A 337 7.53 -16.27 -5.91
CA CYS A 337 6.83 -15.01 -6.19
C CYS A 337 7.41 -14.30 -7.43
N TRP A 338 8.71 -14.53 -7.70
CA TRP A 338 9.37 -13.93 -8.85
C TRP A 338 9.43 -14.83 -10.06
N ALA A 339 8.51 -15.80 -10.14
CA ALA A 339 8.34 -16.55 -11.39
C ALA A 339 7.95 -15.56 -12.47
N PHE A 340 8.63 -15.63 -13.60
CA PHE A 340 8.34 -14.77 -14.74
C PHE A 340 6.90 -14.94 -15.21
N ASP A 341 6.49 -16.19 -15.34
CA ASP A 341 5.14 -16.54 -15.74
C ASP A 341 4.23 -16.43 -14.52
N SER A 342 3.24 -15.55 -14.59
CA SER A 342 2.38 -15.28 -13.46
C SER A 342 1.58 -16.48 -12.97
N ARG A 343 1.30 -17.46 -13.82
CA ARG A 343 0.57 -18.67 -13.40
C ARG A 343 1.38 -19.56 -12.48
N LYS A 344 2.71 -19.51 -12.57
CA LYS A 344 3.58 -20.29 -11.68
C LYS A 344 3.72 -19.69 -10.27
N ARG A 345 3.24 -18.47 -10.03
CA ARG A 345 3.41 -17.82 -8.73
C ARG A 345 2.41 -18.35 -7.73
N PRO A 346 2.79 -18.37 -6.45
CA PRO A 346 1.80 -18.75 -5.44
C PRO A 346 0.69 -17.72 -5.31
N SER A 347 -0.38 -18.11 -4.62
CA SER A 347 -1.53 -17.27 -4.37
C SER A 347 -1.45 -16.77 -2.94
N PHE A 348 -2.21 -15.74 -2.62
CA PHE A 348 -2.18 -15.22 -1.27
C PHE A 348 -2.78 -16.17 -0.22
N PRO A 349 -3.79 -17.00 -0.58
CA PRO A 349 -4.15 -18.13 0.31
C PRO A 349 -2.99 -19.12 0.59
N ASN A 350 -2.26 -19.52 -0.45
CA ASN A 350 -1.05 -20.36 -0.27
C ASN A 350 -0.07 -19.72 0.72
N LEU A 351 0.31 -18.47 0.44
CA LEU A 351 1.26 -17.73 1.29
C LEU A 351 0.77 -17.53 2.73
N THR A 352 -0.53 -17.30 2.89
CA THR A 352 -1.16 -17.28 4.23
C THR A 352 -0.97 -18.61 4.98
N SER A 353 -1.00 -19.74 4.27
CA SER A 353 -0.66 -21.05 4.84
C SER A 353 0.85 -21.22 5.12
N PHE A 354 1.70 -21.26 4.08
CA PHE A 354 3.18 -21.42 4.25
C PHE A 354 3.77 -20.56 5.40
N LEU A 355 3.17 -19.38 5.66
CA LEU A 355 3.61 -18.46 6.74
C LEU A 355 2.77 -18.52 8.03
N GLY A 356 1.57 -19.09 7.94
CA GLY A 356 0.85 -19.57 9.12
C GLY A 356 1.61 -20.70 9.80
N CYS A 357 2.23 -21.58 8.99
CA CYS A 357 3.06 -22.68 9.48
C CYS A 357 4.30 -22.19 10.22
N GLN A 358 5.18 -21.49 9.50
CA GLN A 358 6.50 -21.09 10.01
C GLN A 358 6.45 -20.36 11.38
N LEU A 359 5.37 -19.61 11.63
CA LEU A 359 5.09 -19.03 12.97
C LEU A 359 4.95 -20.13 14.03
N3 A9R B . 4.46 9.49 6.81
N3 A9R B . 4.73 7.62 6.44
C4 A9R B . 3.34 9.51 7.45
C4 A9R B . 3.70 7.06 6.99
C5 A9R B . 3.83 7.36 7.12
C5 A9R B . 3.54 9.24 7.44
C6 A9R B . 2.91 8.20 7.66
C6 A9R B . 2.93 8.05 7.63
C7 A9R B . 1.68 7.80 8.37
C7 A9R B . 1.69 7.73 8.36
C8 A9R B . 1.75 7.67 9.76
C8 A9R B . 1.75 7.64 9.75
C10 A9R B . 2.95 8.43 11.68
C10 A9R B . 2.97 8.45 11.63
C17 A9R B . -1.83 6.91 8.01
C17 A9R B . -1.85 6.92 8.02
C20 A9R B . -2.03 7.25 4.34
C20 A9R B . -4.21 6.68 5.18
C21 A9R B . -3.37 6.99 4.16
C21 A9R B . -3.35 6.97 4.15
C22 A9R B . -4.16 6.71 5.26
C22 A9R B . -2.02 7.23 4.42
C1 A9R B . 5.99 7.74 5.89
C1 A9R B . 5.62 9.97 6.26
N2 A9R B . 4.79 8.15 6.59
N2 A9R B . 4.65 8.99 6.72
O9 A9R B . 2.94 7.92 10.35
O9 A9R B . 2.94 7.86 10.34
C11 A9R B . 0.64 7.30 10.45
C11 A9R B . 0.64 7.31 10.45
C12 A9R B . 0.53 7.58 7.72
C12 A9R B . 0.53 7.53 7.71
N13 A9R B . -0.56 7.21 8.40
N13 A9R B . -0.58 7.21 8.41
C14 A9R B . -0.53 7.05 9.75
C14 A9R B . -0.55 7.09 9.76
N15 A9R B . -1.74 6.68 10.17
N15 A9R B . -1.75 6.74 10.18
C16 A9R B . -2.53 6.58 9.12
C16 A9R B . -2.55 6.63 9.14
C18 A9R B . -2.35 6.93 6.65
C18 A9R B . -2.38 6.93 6.66
C19 A9R B . -1.50 7.23 5.61
C19 A9R B . -3.72 6.66 6.46
N29 A9R B . -3.64 6.69 6.46
N29 A9R B . -1.57 7.20 5.66
P PO4 C . 15.67 4.70 -0.47
O1 PO4 C . 16.82 4.72 -1.47
O2 PO4 C . 15.12 3.29 -0.47
O3 PO4 C . 14.58 5.67 -0.86
O4 PO4 C . 16.14 5.07 0.90
P PO4 D . -19.64 18.09 7.01
O1 PO4 D . -18.84 18.43 5.77
O2 PO4 D . -18.70 17.61 8.10
O3 PO4 D . -20.64 17.00 6.75
O4 PO4 D . -20.35 19.36 7.39
P PO4 E . 2.90 -1.30 21.78
O1 PO4 E . 3.04 -1.87 20.39
O2 PO4 E . 3.93 -2.02 22.62
O3 PO4 E . 3.16 0.18 21.71
O4 PO4 E . 1.52 -1.52 22.35
P PO4 F . 4.20 16.15 -9.76
O1 PO4 F . 5.24 16.86 -10.59
O2 PO4 F . 4.87 15.85 -8.43
O3 PO4 F . 3.00 17.08 -9.61
O4 PO4 F . 3.78 14.86 -10.43
S CXS G . 19.64 1.25 1.97
O1 CXS G . 19.72 0.20 0.74
O2 CXS G . 20.98 1.40 2.45
O3 CXS G . 18.80 0.75 3.02
C1 CXS G . 19.04 2.63 1.30
C2 CXS G . 20.06 3.76 1.22
C3 CXS G . 21.04 3.56 0.09
N CXS G . 22.13 4.51 0.10
C4 CXS G . 23.24 4.35 -0.82
C5 CXS G . 23.95 5.65 -1.12
C6 CXS G . 25.12 5.44 -2.10
C7 CXS G . 26.10 4.37 -1.62
C8 CXS G . 25.35 3.09 -1.29
C9 CXS G . 24.26 3.35 -0.26
S CXS H . -20.76 0.77 9.47
O1 CXS H . -20.24 -0.32 10.25
O2 CXS H . -20.61 0.51 8.07
O3 CXS H . -22.36 1.00 9.77
C1 CXS H . -19.87 2.12 9.86
C2 CXS H . -20.76 3.33 9.62
C3 CXS H . -19.91 4.58 9.70
N CXS H . -19.78 4.99 11.07
C4 CXS H . -20.04 6.36 11.43
C5 CXS H . -19.94 6.54 12.94
C6 CXS H . -20.25 7.98 13.32
C7 CXS H . -19.37 8.98 12.55
C8 CXS H . -19.38 8.73 11.05
C9 CXS H . -19.02 7.29 10.76
C1 GOL I . -2.06 6.97 19.30
O1 GOL I . -1.02 6.91 20.30
C2 GOL I . -2.95 5.73 19.38
O2 GOL I . -2.12 4.58 19.45
C3 GOL I . -3.85 5.56 18.17
O3 GOL I . -4.79 4.49 18.37
C1 GOL J . 10.93 -19.68 -12.93
O1 GOL J . 11.39 -18.71 -11.99
C2 GOL J . 10.62 -19.01 -14.27
O2 GOL J . 11.07 -17.64 -14.24
C3 GOL J . 9.13 -19.01 -14.59
O3 GOL J . 8.85 -18.62 -15.95
C1 GOL K . 20.20 -19.86 5.55
O1 GOL K . 21.21 -20.14 4.58
C2 GOL K . 20.23 -20.85 6.71
O2 GOL K . 19.90 -20.12 7.91
C3 GOL K . 19.29 -22.04 6.48
O3 GOL K . 18.00 -21.91 7.11
C1 GOL L . 20.71 3.20 -3.96
O1 GOL L . 21.50 2.70 -2.88
C2 GOL L . 20.63 2.06 -4.98
O2 GOL L . 20.24 0.85 -4.30
C3 GOL L . 19.67 2.40 -6.13
O3 GOL L . 20.37 2.85 -7.29
C1 GOL M . -2.66 -16.85 -19.13
O1 GOL M . -2.21 -16.28 -17.89
C2 GOL M . -2.67 -15.76 -20.21
O2 GOL M . -2.27 -14.51 -19.63
C3 GOL M . -1.77 -16.11 -21.41
O3 GOL M . -2.53 -16.04 -22.63
C1 GOL N . -4.79 -2.24 -18.98
O1 GOL N . -4.37 -1.07 -19.70
C2 GOL N . -6.21 -2.63 -19.41
O2 GOL N . -7.16 -2.08 -18.49
C3 GOL N . -6.38 -4.15 -19.49
O3 GOL N . -6.88 -4.50 -20.78
C1 GOL O . 18.66 -16.50 10.14
O1 GOL O . 17.40 -16.20 10.74
C2 GOL O . 19.53 -15.24 10.12
O2 GOL O . 19.50 -14.60 11.41
C3 GOL O . 20.98 -15.57 9.72
O3 GOL O . 21.01 -16.07 8.38
C1 GOL P . -10.51 -15.66 -23.08
O1 GOL P . -9.08 -15.74 -22.97
C2 GOL P . -11.13 -16.73 -22.18
O2 GOL P . -11.38 -17.92 -22.95
C3 GOL P . -12.42 -16.24 -21.52
O3 GOL P . -12.70 -17.06 -20.38
C1 GOL Q . -1.81 24.97 0.94
O1 GOL Q . -1.59 24.27 -0.31
C2 GOL Q . -1.95 23.97 2.10
O2 GOL Q . -1.00 22.92 1.93
C3 GOL Q . -3.38 23.40 2.16
O3 GOL Q . -4.12 23.98 3.24
C1 GOL R . 10.23 3.53 16.11
O1 GOL R . 9.50 2.69 17.01
C2 GOL R . 9.30 4.04 14.99
O2 GOL R . 8.89 5.37 15.29
C3 GOL R . 9.96 3.95 13.60
O3 GOL R . 10.27 5.22 13.02
CL CL S . 0.17 4.22 -2.68
CL CL T . 5.07 9.44 -6.16
CL CL U . 7.50 8.01 1.32
#